data_3FWX
#
_entry.id   3FWX
#
_cell.length_a   61.305
_cell.length_b   61.456
_cell.length_c   210.343
_cell.angle_alpha   90.00
_cell.angle_beta   90.00
_cell.angle_gamma   90.00
#
_symmetry.space_group_name_H-M   'C 2 2 21'
#
loop_
_entity.id
_entity.type
_entity.pdbx_description
1 polymer 'Peptide deformylase'
2 non-polymer 'ZINC ION'
3 water water
#
_entity_poly.entity_id   1
_entity_poly.type   'polypeptide(L)'
_entity_poly.pdbx_seq_one_letter_code
;(MSE)SVLQVLTFPDDRLRTVAKPVEQVTPEIQQIVDD(MSE)LET(MSE)YAEEGIGLAATQVDIHQRIVVIDISETRD
QP(MSE)VLINPEIIEKRGEDGIEEGCLSVPGARALVPRAAEVTVKALDRNGQEYQFDADDLLAICVQHELDHLAGKLFV
DYLSPLKRNRIKEKLEKIKRFNEKK
;
_entity_poly.pdbx_strand_id   A,B
#
# COMPACT_ATOMS: atom_id res chain seq x y z
N VAL A 3 6.54 -0.05 15.73
CA VAL A 3 6.20 -1.46 16.07
C VAL A 3 6.58 -2.29 14.84
N LEU A 4 7.71 -1.94 14.24
CA LEU A 4 8.08 -2.41 12.88
C LEU A 4 8.86 -3.72 12.91
N GLN A 5 8.54 -4.65 12.01
CA GLN A 5 9.48 -5.76 11.68
C GLN A 5 9.69 -5.81 10.18
N VAL A 6 10.76 -6.50 9.75
CA VAL A 6 11.10 -6.48 8.34
C VAL A 6 10.42 -7.60 7.55
N LEU A 7 9.76 -7.26 6.44
CA LEU A 7 9.28 -8.23 5.45
C LEU A 7 10.46 -8.98 4.80
N THR A 8 10.26 -10.27 4.55
CA THR A 8 11.30 -11.16 3.99
C THR A 8 10.83 -11.78 2.67
N PHE A 9 11.72 -11.81 1.69
CA PHE A 9 11.47 -12.45 0.35
C PHE A 9 10.99 -13.89 0.58
N PRO A 10 9.98 -14.36 -0.15
CA PRO A 10 9.26 -13.81 -1.29
C PRO A 10 7.95 -12.99 -1.05
N ASP A 11 7.83 -12.23 0.03
CA ASP A 11 6.57 -11.52 0.35
C ASP A 11 6.21 -10.52 -0.74
N ASP A 12 4.98 -10.56 -1.26
CA ASP A 12 4.62 -9.67 -2.35
C ASP A 12 4.57 -8.18 -1.97
N ARG A 13 4.47 -7.92 -0.68
CA ARG A 13 4.46 -6.56 -0.20
C ARG A 13 5.83 -5.87 -0.49
N LEU A 14 6.90 -6.67 -0.67
CA LEU A 14 8.24 -6.13 -0.99
C LEU A 14 8.30 -5.60 -2.44
N ARG A 15 7.29 -5.92 -3.27
CA ARG A 15 7.21 -5.50 -4.69
C ARG A 15 6.34 -4.23 -4.90
N THR A 16 5.77 -3.69 -3.82
CA THR A 16 4.98 -2.45 -3.84
C THR A 16 5.88 -1.29 -4.18
N VAL A 17 5.48 -0.47 -5.17
CA VAL A 17 6.24 0.75 -5.53
C VAL A 17 5.85 1.85 -4.54
N ALA A 18 6.81 2.44 -3.87
CA ALA A 18 6.53 3.38 -2.81
C ALA A 18 6.05 4.67 -3.39
N LYS A 19 5.17 5.37 -2.69
CA LYS A 19 4.74 6.69 -3.12
C LYS A 19 5.56 7.79 -2.51
N PRO A 20 5.67 8.93 -3.24
CA PRO A 20 6.42 10.09 -2.68
C PRO A 20 5.86 10.55 -1.35
N VAL A 21 6.71 11.04 -0.45
CA VAL A 21 6.26 11.65 0.78
C VAL A 21 5.84 13.07 0.39
N GLU A 22 4.72 13.55 0.89
CA GLU A 22 4.16 14.83 0.42
C GLU A 22 4.65 16.00 1.23
N GLN A 23 4.70 15.77 2.55
CA GLN A 23 5.24 16.74 3.51
C GLN A 23 5.93 15.99 4.64
N VAL A 24 7.03 16.53 5.14
CA VAL A 24 7.77 15.90 6.18
C VAL A 24 7.16 16.32 7.52
N THR A 25 6.29 15.49 8.01
CA THR A 25 5.54 15.80 9.19
C THR A 25 6.16 15.07 10.37
N PRO A 26 5.69 15.36 11.60
CA PRO A 26 6.16 14.63 12.74
C PRO A 26 5.91 13.14 12.59
N GLU A 27 4.85 12.77 11.88
CA GLU A 27 4.61 11.34 11.65
C GLU A 27 5.71 10.71 10.77
N ILE A 28 6.09 11.42 9.69
CA ILE A 28 7.22 10.97 8.86
C ILE A 28 8.46 10.91 9.72
N GLN A 29 8.72 11.99 10.48
CA GLN A 29 9.92 11.97 11.38
C GLN A 29 9.95 10.74 12.32
N GLN A 30 8.78 10.37 12.81
CA GLN A 30 8.69 9.20 13.64
C GLN A 30 8.99 7.90 12.90
N ILE A 31 8.52 7.75 11.65
CA ILE A 31 8.86 6.60 10.80
C ILE A 31 10.37 6.47 10.64
N VAL A 32 10.99 7.62 10.33
CA VAL A 32 12.47 7.77 10.21
C VAL A 32 13.15 7.23 11.49
N ASP A 33 12.72 7.72 12.63
CA ASP A 33 13.36 7.34 13.90
C ASP A 33 13.25 5.88 14.19
N ASP A 34 12.06 5.36 13.96
CA ASP A 34 11.79 3.93 14.10
C ASP A 34 12.57 3.05 13.13
N LEU A 36 15.48 3.84 11.80
CA LEU A 36 16.89 3.82 12.24
C LEU A 36 17.09 2.84 13.40
N GLU A 37 16.16 2.84 14.38
CA GLU A 37 16.25 1.90 15.52
C GLU A 37 16.22 0.47 15.04
N THR A 38 15.36 0.18 14.06
CA THR A 38 15.26 -1.19 13.52
C THR A 38 16.57 -1.58 12.88
N TYR A 40 19.63 -0.40 13.17
CA TYR A 40 20.74 -0.60 14.10
C TYR A 40 20.57 -1.93 14.88
N ALA A 41 19.34 -2.23 15.27
CA ALA A 41 19.11 -3.43 16.08
C ALA A 41 19.37 -4.70 15.29
N GLU A 42 19.10 -4.65 13.96
CA GLU A 42 19.33 -5.80 13.07
C GLU A 42 20.69 -5.79 12.48
N GLU A 43 21.51 -4.85 12.94
CA GLU A 43 22.84 -4.59 12.43
C GLU A 43 22.92 -4.42 10.90
N GLY A 44 22.02 -3.64 10.35
CA GLY A 44 21.97 -3.33 8.92
C GLY A 44 22.70 -2.03 8.66
N ILE A 45 23.04 -1.75 7.39
CA ILE A 45 23.61 -0.46 7.07
C ILE A 45 22.66 0.42 6.27
N GLY A 46 21.50 -0.15 5.90
CA GLY A 46 20.45 0.56 5.20
C GLY A 46 19.12 -0.11 5.39
N LEU A 47 18.07 0.67 5.30
CA LEU A 47 16.70 0.14 5.36
C LEU A 47 15.79 1.08 4.56
N ALA A 48 14.86 0.50 3.78
CA ALA A 48 13.84 1.20 3.01
C ALA A 48 12.53 0.99 3.66
N ALA A 49 11.66 2.00 3.63
CA ALA A 49 10.35 1.89 4.30
C ALA A 49 9.58 0.69 3.80
N THR A 50 9.64 0.44 2.50
CA THR A 50 8.99 -0.70 1.89
C THR A 50 9.26 -1.98 2.66
N GLN A 51 10.50 -2.12 3.15
CA GLN A 51 10.91 -3.31 3.94
C GLN A 51 10.23 -3.48 5.28
N VAL A 52 9.69 -2.41 5.87
CA VAL A 52 8.87 -2.57 7.09
C VAL A 52 7.37 -2.32 6.75
N ASP A 53 7.03 -2.53 5.46
CA ASP A 53 5.64 -2.44 4.93
C ASP A 53 5.10 -0.98 5.00
N ILE A 54 5.95 0.04 4.81
CA ILE A 54 5.51 1.43 4.80
C ILE A 54 5.82 1.90 3.38
N HIS A 55 4.78 2.19 2.62
CA HIS A 55 4.95 2.34 1.16
C HIS A 55 5.12 3.76 0.66
N GLN A 56 6.16 4.38 1.24
CA GLN A 56 6.49 5.79 0.98
C GLN A 56 7.99 5.90 0.81
N ARG A 57 8.47 6.89 0.05
CA ARG A 57 9.85 6.89 -0.35
C ARG A 57 10.71 7.45 0.80
N ILE A 58 10.99 6.57 1.76
CA ILE A 58 11.90 6.87 2.89
C ILE A 58 12.99 5.83 2.99
N VAL A 59 14.23 6.30 3.06
CA VAL A 59 15.37 5.43 3.25
C VAL A 59 16.22 5.97 4.37
N VAL A 60 16.76 5.07 5.20
CA VAL A 60 17.78 5.43 6.16
C VAL A 60 18.99 4.58 5.97
N ILE A 61 20.16 5.19 6.22
CA ILE A 61 21.46 4.55 5.97
C ILE A 61 22.43 4.91 7.09
N ASP A 62 23.22 3.96 7.55
CA ASP A 62 24.48 4.28 8.25
C ASP A 62 25.52 3.28 7.89
N ILE A 63 26.49 3.71 7.12
CA ILE A 63 27.52 2.78 6.68
C ILE A 63 28.77 2.82 7.57
N SER A 64 28.79 3.64 8.61
CA SER A 64 29.97 3.84 9.42
C SER A 64 30.20 2.67 10.40
N GLU A 65 31.47 2.38 10.63
CA GLU A 65 31.78 1.24 11.51
C GLU A 65 31.47 1.67 12.91
N THR A 66 31.53 2.96 13.21
CA THR A 66 31.18 3.44 14.56
C THR A 66 29.68 3.61 14.82
N ARG A 67 28.86 3.40 13.79
CA ARG A 67 27.40 3.36 13.90
C ARG A 67 26.78 4.60 14.40
N ASP A 68 27.41 5.74 14.10
CA ASP A 68 26.90 7.02 14.54
C ASP A 68 26.90 8.08 13.47
N GLN A 69 26.75 7.67 12.22
CA GLN A 69 26.70 8.59 11.10
C GLN A 69 25.43 8.32 10.26
N PRO A 70 24.24 8.44 10.86
CA PRO A 70 22.97 8.22 10.18
C PRO A 70 22.71 9.21 9.05
N VAL A 72 19.45 10.25 6.37
CA VAL A 72 18.00 10.13 6.10
C VAL A 72 17.74 10.68 4.68
N LEU A 73 17.05 9.89 3.88
CA LEU A 73 16.78 10.22 2.50
C LEU A 73 15.24 10.08 2.21
N ILE A 74 14.56 11.22 2.12
CA ILE A 74 13.10 11.21 1.87
C ILE A 74 12.93 11.65 0.41
N ASN A 75 12.11 10.94 -0.34
CA ASN A 75 12.01 11.15 -1.79
C ASN A 75 13.35 11.15 -2.53
N PRO A 76 14.22 10.20 -2.22
CA PRO A 76 15.52 10.29 -2.88
C PRO A 76 15.38 10.07 -4.37
N GLU A 77 16.21 10.70 -5.12
CA GLU A 77 16.24 10.44 -6.57
C GLU A 77 17.69 10.42 -7.02
N ILE A 78 18.07 9.41 -7.81
CA ILE A 78 19.41 9.38 -8.40
C ILE A 78 19.32 10.22 -9.65
N ILE A 79 20.00 11.34 -9.65
CA ILE A 79 19.88 12.20 -10.79
C ILE A 79 20.97 11.90 -11.82
N GLU A 80 22.12 11.34 -11.41
CA GLU A 80 23.08 10.80 -12.34
C GLU A 80 23.78 9.59 -11.75
N LYS A 81 24.03 8.62 -12.60
CA LYS A 81 24.91 7.48 -12.34
C LYS A 81 26.12 7.49 -13.27
N ARG A 82 27.27 7.11 -12.72
CA ARG A 82 28.51 7.00 -13.49
C ARG A 82 29.26 5.67 -13.17
N GLY A 83 29.80 5.04 -14.22
CA GLY A 83 30.74 3.94 -14.06
C GLY A 83 30.03 2.66 -13.65
N GLU A 84 30.81 1.64 -13.41
CA GLU A 84 30.31 0.33 -13.03
C GLU A 84 31.14 -0.16 -11.86
N ASP A 85 30.52 -0.86 -10.94
CA ASP A 85 31.20 -1.37 -9.79
C ASP A 85 30.29 -2.47 -9.24
N GLY A 86 30.74 -3.14 -8.22
CA GLY A 86 29.89 -4.03 -7.52
C GLY A 86 30.64 -4.72 -6.42
N ILE A 87 29.90 -5.02 -5.41
CA ILE A 87 30.41 -5.69 -4.21
C ILE A 87 29.44 -6.75 -3.72
N GLU A 88 29.82 -7.47 -2.69
CA GLU A 88 28.89 -8.40 -2.09
C GLU A 88 27.84 -7.64 -1.28
N GLU A 89 26.59 -7.97 -1.47
CA GLU A 89 25.51 -7.32 -0.81
C GLU A 89 24.75 -8.38 -0.01
N GLY A 90 24.15 -7.92 1.06
CA GLY A 90 23.09 -8.65 1.74
C GLY A 90 21.89 -7.75 1.94
N CYS A 91 20.93 -8.28 2.66
CA CYS A 91 19.68 -7.58 2.83
C CYS A 91 18.92 -8.17 3.99
N LEU A 92 18.40 -7.28 4.86
CA LEU A 92 17.63 -7.72 6.00
C LEU A 92 16.39 -8.37 5.51
N SER A 93 15.94 -8.05 4.31
CA SER A 93 14.78 -8.74 3.78
C SER A 93 15.11 -10.06 3.07
N VAL A 94 16.39 -10.44 3.00
CA VAL A 94 16.79 -11.73 2.46
C VAL A 94 17.85 -12.35 3.39
N PRO A 95 17.43 -12.75 4.59
CA PRO A 95 18.34 -13.24 5.60
C PRO A 95 19.12 -14.43 5.10
N GLY A 96 20.44 -14.36 5.28
CA GLY A 96 21.29 -15.45 4.97
C GLY A 96 21.88 -15.49 3.60
N ALA A 97 21.42 -14.66 2.69
CA ALA A 97 21.92 -14.64 1.34
C ALA A 97 22.87 -13.49 1.17
N ARG A 98 24.00 -13.73 0.52
CA ARG A 98 24.88 -12.66 0.10
C ARG A 98 25.38 -12.95 -1.31
N ALA A 99 25.51 -11.91 -2.12
CA ALA A 99 25.93 -12.09 -3.51
C ALA A 99 26.42 -10.76 -4.11
N LEU A 100 27.34 -10.89 -5.04
CA LEU A 100 27.86 -9.78 -5.83
C LEU A 100 26.73 -9.27 -6.75
N VAL A 101 26.49 -7.96 -6.76
CA VAL A 101 25.46 -7.30 -7.59
C VAL A 101 26.16 -6.19 -8.41
N PRO A 102 25.95 -6.21 -9.73
CA PRO A 102 26.50 -5.13 -10.58
C PRO A 102 25.72 -3.83 -10.37
N ARG A 103 26.41 -2.72 -10.22
CA ARG A 103 25.83 -1.43 -9.87
C ARG A 103 26.55 -0.33 -10.57
N ALA A 104 26.06 0.90 -10.45
CA ALA A 104 26.83 2.07 -10.87
C ALA A 104 27.95 2.26 -9.88
N ALA A 105 29.08 2.82 -10.32
CA ALA A 105 30.15 3.15 -9.40
C ALA A 105 29.84 4.43 -8.58
N GLU A 106 29.22 5.41 -9.22
CA GLU A 106 28.99 6.71 -8.57
C GLU A 106 27.58 7.12 -8.80
N VAL A 107 27.04 7.89 -7.86
CA VAL A 107 25.70 8.45 -8.00
C VAL A 107 25.69 9.88 -7.50
N THR A 108 24.84 10.68 -8.10
CA THR A 108 24.44 11.98 -7.58
C THR A 108 23.01 11.83 -7.16
N VAL A 109 22.73 12.20 -5.91
CA VAL A 109 21.46 11.93 -5.26
C VAL A 109 20.89 13.25 -4.77
N LYS A 110 19.60 13.46 -5.00
CA LYS A 110 18.84 14.58 -4.40
C LYS A 110 17.78 13.97 -3.45
N ALA A 111 17.57 14.58 -2.30
CA ALA A 111 16.62 14.08 -1.31
C ALA A 111 16.27 15.13 -0.29
N LEU A 112 15.22 14.85 0.51
CA LEU A 112 14.93 15.66 1.69
C LEU A 112 15.55 14.96 2.89
N ASP A 113 16.05 15.74 3.83
CA ASP A 113 16.48 15.18 5.08
C ASP A 113 15.33 15.03 6.09
N ARG A 114 15.70 14.66 7.32
CA ARG A 114 14.70 14.46 8.32
C ARG A 114 13.88 15.75 8.62
N ASN A 115 14.40 16.91 8.26
CA ASN A 115 13.74 18.18 8.59
C ASN A 115 13.08 18.75 7.34
N GLY A 116 12.99 17.98 6.25
CA GLY A 116 12.42 18.49 5.03
C GLY A 116 13.32 19.40 4.22
N GLN A 117 14.61 19.46 4.53
CA GLN A 117 15.53 20.25 3.75
C GLN A 117 15.98 19.43 2.58
N GLU A 118 15.79 19.94 1.35
CA GLU A 118 16.28 19.23 0.16
C GLU A 118 17.79 19.39 0.08
N TYR A 119 18.49 18.34 -0.25
CA TYR A 119 19.97 18.44 -0.37
C TYR A 119 20.45 17.55 -1.47
N GLN A 120 21.66 17.77 -1.91
CA GLN A 120 22.19 16.96 -3.01
C GLN A 120 23.59 16.52 -2.63
N PHE A 121 23.96 15.31 -3.03
CA PHE A 121 25.29 14.83 -2.74
C PHE A 121 25.75 13.80 -3.81
N ASP A 122 27.07 13.68 -3.95
CA ASP A 122 27.72 12.63 -4.74
C ASP A 122 28.25 11.58 -3.78
N ALA A 123 28.22 10.31 -4.25
CA ALA A 123 28.64 9.17 -3.45
C ALA A 123 29.32 8.18 -4.34
N ASP A 124 30.28 7.49 -3.78
CA ASP A 124 30.93 6.33 -4.48
C ASP A 124 31.11 5.27 -3.46
N ASP A 125 31.80 4.20 -3.83
CA ASP A 125 32.16 3.14 -2.87
C ASP A 125 30.93 2.60 -2.14
N LEU A 126 30.99 2.38 -0.81
CA LEU A 126 29.91 1.63 -0.16
C LEU A 126 28.61 2.44 -0.17
N LEU A 127 28.72 3.74 0.07
CA LEU A 127 27.52 4.58 0.10
C LEU A 127 26.77 4.50 -1.26
N ALA A 128 27.50 4.62 -2.36
CA ALA A 128 26.86 4.59 -3.72
C ALA A 128 26.08 3.30 -3.91
N ILE A 129 26.64 2.20 -3.40
CA ILE A 129 26.05 0.86 -3.51
C ILE A 129 24.84 0.78 -2.64
N CYS A 130 24.96 1.20 -1.38
CA CYS A 130 23.89 1.14 -0.46
C CYS A 130 22.72 2.05 -0.91
N VAL A 131 23.03 3.22 -1.44
CA VAL A 131 21.99 4.09 -2.01
C VAL A 131 21.23 3.35 -3.11
N GLN A 132 21.95 2.76 -4.04
CA GLN A 132 21.30 2.09 -5.14
C GLN A 132 20.42 0.94 -4.64
N HIS A 133 20.94 0.19 -3.67
CA HIS A 133 20.25 -0.98 -3.10
C HIS A 133 18.93 -0.55 -2.46
N GLU A 134 19.04 0.49 -1.62
CA GLU A 134 17.91 0.97 -0.91
C GLU A 134 16.90 1.60 -1.85
N LEU A 135 17.32 2.36 -2.88
CA LEU A 135 16.31 2.87 -3.79
C LEU A 135 15.67 1.82 -4.67
N ASP A 136 16.38 0.71 -4.92
CA ASP A 136 15.75 -0.42 -5.57
C ASP A 136 14.54 -0.89 -4.78
N HIS A 137 14.66 -0.95 -3.45
CA HIS A 137 13.56 -1.45 -2.69
C HIS A 137 12.32 -0.60 -2.92
N LEU A 138 12.49 0.72 -3.05
CA LEU A 138 11.34 1.63 -3.18
C LEU A 138 10.65 1.40 -4.53
N ALA A 139 11.36 0.77 -5.46
CA ALA A 139 10.81 0.43 -6.78
C ALA A 139 10.29 -0.98 -6.82
N GLY A 140 10.24 -1.65 -5.68
CA GLY A 140 9.84 -3.03 -5.65
C GLY A 140 10.87 -4.06 -6.09
N LYS A 141 12.14 -3.68 -6.16
CA LYS A 141 13.24 -4.57 -6.58
C LYS A 141 14.11 -5.00 -5.43
N LEU A 142 14.55 -6.25 -5.50
CA LEU A 142 15.41 -6.90 -4.49
C LEU A 142 16.69 -7.38 -5.11
N PHE A 143 17.74 -7.45 -4.30
CA PHE A 143 19.03 -7.74 -4.92
C PHE A 143 19.06 -9.15 -5.56
N VAL A 144 18.21 -10.06 -5.07
CA VAL A 144 18.14 -11.43 -5.63
C VAL A 144 17.63 -11.43 -7.09
N ASP A 145 16.94 -10.36 -7.49
CA ASP A 145 16.54 -10.18 -8.88
C ASP A 145 17.73 -10.09 -9.86
N TYR A 146 18.92 -9.77 -9.37
CA TYR A 146 20.09 -9.72 -10.24
C TYR A 146 20.77 -11.07 -10.33
N LEU A 147 20.32 -12.04 -9.55
CA LEU A 147 20.94 -13.38 -9.60
C LEU A 147 20.34 -14.36 -10.66
N SER A 148 21.04 -15.45 -10.92
CA SER A 148 20.50 -16.55 -11.75
C SER A 148 19.25 -17.14 -11.15
N PRO A 149 18.37 -17.66 -12.00
CA PRO A 149 17.15 -18.25 -11.50
C PRO A 149 17.42 -19.35 -10.53
N LEU A 150 18.39 -20.21 -10.79
CA LEU A 150 18.56 -21.39 -9.91
C LEU A 150 19.02 -20.94 -8.52
N LYS A 151 19.89 -19.95 -8.48
CA LYS A 151 20.39 -19.44 -7.20
C LYS A 151 19.27 -18.69 -6.44
N ARG A 152 18.55 -17.82 -7.12
CA ARG A 152 17.41 -17.13 -6.54
C ARG A 152 16.28 -18.10 -6.06
N ASN A 153 16.01 -19.13 -6.84
CA ASN A 153 14.97 -20.08 -6.47
C ASN A 153 15.34 -20.85 -5.25
N ARG A 154 16.61 -21.21 -5.12
CA ARG A 154 17.04 -21.89 -3.93
C ARG A 154 16.85 -21.01 -2.68
N ILE A 155 17.29 -19.77 -2.77
CA ILE A 155 17.15 -18.81 -1.68
C ILE A 155 15.68 -18.69 -1.30
N LYS A 156 14.81 -18.56 -2.31
CA LYS A 156 13.37 -18.46 -2.06
C LYS A 156 12.84 -19.66 -1.38
N GLU A 157 13.17 -20.84 -1.89
CA GLU A 157 12.70 -22.10 -1.30
C GLU A 157 13.13 -22.28 0.18
N LYS A 158 14.40 -21.99 0.49
CA LYS A 158 14.90 -22.03 1.84
C LYS A 158 14.11 -21.06 2.74
N LEU A 159 13.87 -19.84 2.26
CA LEU A 159 13.11 -18.88 3.09
C LEU A 159 11.63 -19.27 3.25
N GLU A 160 11.01 -19.79 2.19
CA GLU A 160 9.63 -20.23 2.31
C GLU A 160 9.54 -21.36 3.39
N LYS A 161 10.55 -22.21 3.44
CA LYS A 161 10.57 -23.36 4.36
C LYS A 161 10.49 -22.90 5.82
N ILE A 162 11.25 -21.84 6.05
CA ILE A 162 11.38 -21.22 7.35
C ILE A 162 10.06 -20.76 7.87
N LYS A 163 9.19 -20.34 6.95
CA LYS A 163 7.90 -19.75 7.33
C LYS A 163 6.73 -20.60 6.99
N ARG A 164 6.97 -21.84 6.59
CA ARG A 164 5.90 -22.68 6.10
C ARG A 164 4.81 -23.00 7.10
N PHE A 165 5.11 -22.94 8.39
CA PHE A 165 4.09 -23.21 9.41
C PHE A 165 3.46 -21.94 10.00
N ASN A 166 3.83 -20.77 9.51
CA ASN A 166 3.18 -19.52 9.94
C ASN A 166 1.72 -19.45 9.63
N GLU A 167 1.08 -18.53 10.38
CA GLU A 167 -0.33 -18.08 10.23
C GLU A 167 -1.33 -19.18 10.45
N VAL B 3 -31.18 5.02 9.16
CA VAL B 3 -30.69 6.36 9.58
C VAL B 3 -29.34 6.67 8.94
N LEU B 4 -28.72 5.67 8.31
CA LEU B 4 -27.39 5.82 7.68
C LEU B 4 -27.32 7.02 6.73
N GLN B 5 -26.22 7.78 6.78
CA GLN B 5 -25.85 8.61 5.61
C GLN B 5 -24.35 8.59 5.35
N VAL B 6 -23.93 9.07 4.18
CA VAL B 6 -22.57 8.76 3.73
C VAL B 6 -21.56 9.80 4.15
N LEU B 7 -20.46 9.38 4.78
CA LEU B 7 -19.30 10.24 5.03
C LEU B 7 -18.65 10.62 3.69
N THR B 8 -18.11 11.85 3.64
CA THR B 8 -17.42 12.40 2.46
C THR B 8 -15.99 12.83 2.76
N PHE B 9 -15.10 12.51 1.84
CA PHE B 9 -13.64 12.87 1.90
C PHE B 9 -13.53 14.38 2.11
N PRO B 10 -12.67 14.86 3.00
CA PRO B 10 -11.61 14.26 3.81
C PRO B 10 -11.94 13.81 5.26
N ASP B 11 -13.12 13.30 5.53
CA ASP B 11 -13.52 12.92 6.90
C ASP B 11 -12.60 11.85 7.42
N ASP B 12 -12.02 12.03 8.62
CA ASP B 12 -11.03 11.03 9.06
C ASP B 12 -11.62 9.66 9.34
N ARG B 13 -12.92 9.63 9.59
CA ARG B 13 -13.61 8.36 9.85
C ARG B 13 -13.54 7.40 8.63
N LEU B 14 -13.28 7.94 7.42
CA LEU B 14 -13.14 7.12 6.20
C LEU B 14 -11.80 6.35 6.22
N ARG B 15 -10.87 6.75 7.11
CA ARG B 15 -9.61 6.05 7.28
C ARG B 15 -9.64 4.96 8.34
N THR B 16 -10.76 4.78 9.05
CA THR B 16 -10.91 3.69 10.04
C THR B 16 -10.86 2.32 9.39
N VAL B 17 -10.05 1.41 9.93
CA VAL B 17 -9.94 0.04 9.42
C VAL B 17 -11.05 -0.80 10.06
N ALA B 18 -11.93 -1.35 9.22
CA ALA B 18 -13.11 -2.09 9.70
C ALA B 18 -12.68 -3.33 10.38
N LYS B 19 -13.38 -3.73 11.43
CA LYS B 19 -13.16 -5.02 12.03
C LYS B 19 -14.06 -6.10 11.46
N PRO B 20 -13.60 -7.36 11.49
CA PRO B 20 -14.38 -8.51 11.03
C PRO B 20 -15.70 -8.60 11.77
N VAL B 21 -16.74 -9.04 11.09
CA VAL B 21 -18.00 -9.31 11.72
C VAL B 21 -17.90 -10.66 12.40
N GLU B 22 -18.34 -10.76 13.65
CA GLU B 22 -18.12 -11.98 14.43
C GLU B 22 -19.17 -13.02 14.17
N GLN B 23 -20.43 -12.55 14.15
CA GLN B 23 -21.59 -13.39 13.85
C GLN B 23 -22.60 -12.59 13.07
N VAL B 24 -23.23 -13.22 12.08
CA VAL B 24 -24.18 -12.54 11.24
C VAL B 24 -25.52 -12.63 11.97
N THR B 25 -25.82 -11.59 12.71
CA THR B 25 -27.01 -11.53 13.53
C THR B 25 -28.11 -10.73 12.81
N PRO B 26 -29.32 -10.69 13.43
CA PRO B 26 -30.38 -9.85 12.90
C PRO B 26 -29.92 -8.40 12.80
N GLU B 27 -29.13 -7.93 13.76
CA GLU B 27 -28.59 -6.59 13.64
C GLU B 27 -27.65 -6.38 12.41
N ILE B 28 -26.79 -7.36 12.11
CA ILE B 28 -25.96 -7.27 10.92
C ILE B 28 -26.86 -7.28 9.71
N GLN B 29 -27.84 -8.17 9.70
CA GLN B 29 -28.80 -8.23 8.58
C GLN B 29 -29.51 -6.88 8.37
N GLN B 30 -29.83 -6.21 9.47
CA GLN B 30 -30.45 -4.87 9.34
C GLN B 30 -29.52 -3.85 8.69
N ILE B 31 -28.25 -3.84 9.12
CA ILE B 31 -27.22 -2.99 8.52
C ILE B 31 -27.11 -3.21 7.02
N VAL B 32 -27.04 -4.48 6.63
CA VAL B 32 -27.07 -4.90 5.20
C VAL B 32 -28.27 -4.26 4.49
N ASP B 33 -29.45 -4.44 5.02
CA ASP B 33 -30.66 -3.92 4.36
C ASP B 33 -30.62 -2.42 4.22
N ASP B 34 -30.21 -1.73 5.29
CA ASP B 34 -30.10 -0.29 5.29
C ASP B 34 -29.06 0.23 4.29
N LEU B 36 -28.07 -1.37 1.56
CA LEU B 36 -28.66 -1.53 0.24
C LEU B 36 -29.64 -0.38 -0.10
N GLU B 37 -30.54 -0.02 0.84
CA GLU B 37 -31.45 1.12 0.60
C GLU B 37 -30.68 2.41 0.30
N THR B 38 -29.60 2.67 1.05
CA THR B 38 -28.77 3.85 0.86
C THR B 38 -28.17 3.89 -0.55
N TYR B 40 -28.91 2.24 -3.28
CA TYR B 40 -29.88 2.43 -4.37
C TYR B 40 -30.36 3.89 -4.47
N ALA B 41 -30.68 4.46 -3.31
CA ALA B 41 -31.22 5.81 -3.26
C ALA B 41 -30.22 6.83 -3.82
N GLU B 42 -28.93 6.58 -3.58
CA GLU B 42 -27.88 7.46 -4.05
C GLU B 42 -27.42 7.10 -5.43
N GLU B 43 -28.10 6.11 -6.04
CA GLU B 43 -27.75 5.53 -7.32
C GLU B 43 -26.30 5.05 -7.42
N GLY B 44 -25.82 4.43 -6.38
CA GLY B 44 -24.47 3.84 -6.31
C GLY B 44 -24.49 2.41 -6.81
N ILE B 45 -23.33 1.85 -7.15
CA ILE B 45 -23.29 0.43 -7.40
C ILE B 45 -22.57 -0.40 -6.32
N GLY B 46 -21.98 0.26 -5.33
CA GLY B 46 -21.35 -0.38 -4.20
C GLY B 46 -21.38 0.50 -2.97
N LEU B 47 -21.32 -0.09 -1.81
CA LEU B 47 -21.22 0.72 -0.61
C LEU B 47 -20.55 -0.13 0.47
N ALA B 48 -19.62 0.45 1.23
CA ALA B 48 -18.92 -0.20 2.32
C ALA B 48 -19.40 0.39 3.61
N ALA B 49 -19.48 -0.42 4.66
CA ALA B 49 -19.99 0.04 5.95
C ALA B 49 -19.23 1.26 6.46
N THR B 50 -17.93 1.27 6.26
CA THR B 50 -17.09 2.38 6.67
C THR B 50 -17.65 3.67 6.17
N GLN B 51 -18.18 3.67 4.95
CA GLN B 51 -18.75 4.87 4.31
C GLN B 51 -19.99 5.43 5.04
N VAL B 52 -20.71 4.61 5.78
CA VAL B 52 -21.82 5.09 6.64
C VAL B 52 -21.43 5.04 8.14
N ASP B 53 -20.14 5.05 8.40
CA ASP B 53 -19.56 5.14 9.79
C ASP B 53 -19.82 3.87 10.60
N ILE B 54 -19.84 2.70 9.95
CA ILE B 54 -20.02 1.45 10.68
C ILE B 54 -18.75 0.70 10.36
N HIS B 55 -17.91 0.47 11.37
CA HIS B 55 -16.53 0.01 11.13
C HIS B 55 -16.41 -1.51 11.28
N GLN B 56 -17.24 -2.17 10.46
CA GLN B 56 -17.32 -3.63 10.38
C GLN B 56 -17.16 -4.06 8.92
N ARG B 57 -16.66 -5.27 8.66
CA ARG B 57 -16.34 -5.64 7.25
C ARG B 57 -17.62 -6.09 6.55
N ILE B 58 -18.42 -5.11 6.09
CA ILE B 58 -19.63 -5.33 5.30
C ILE B 58 -19.62 -4.54 4.01
N VAL B 59 -19.85 -5.18 2.89
CA VAL B 59 -20.03 -4.48 1.62
C VAL B 59 -21.28 -4.98 0.94
N VAL B 60 -21.87 -4.13 0.12
CA VAL B 60 -23.08 -4.40 -0.59
C VAL B 60 -22.82 -3.83 -1.99
N ILE B 61 -23.28 -4.55 -3.00
CA ILE B 61 -23.00 -4.21 -4.39
C ILE B 61 -24.20 -4.56 -5.24
N ASP B 62 -24.47 -3.76 -6.22
CA ASP B 62 -25.35 -4.14 -7.33
C ASP B 62 -24.90 -3.44 -8.56
N ILE B 63 -24.29 -4.18 -9.44
CA ILE B 63 -23.76 -3.53 -10.64
C ILE B 63 -24.71 -3.65 -11.84
N SER B 64 -25.91 -4.18 -11.66
CA SER B 64 -26.81 -4.44 -12.78
C SER B 64 -27.56 -3.18 -13.22
N GLU B 65 -27.89 -3.13 -14.51
CA GLU B 65 -28.65 -1.99 -15.06
C GLU B 65 -30.01 -2.01 -14.50
N THR B 66 -30.54 -3.20 -14.23
CA THR B 66 -31.94 -3.32 -13.77
C THR B 66 -32.05 -3.11 -12.28
N ARG B 67 -30.92 -3.00 -11.60
CA ARG B 67 -30.89 -2.66 -10.17
C ARG B 67 -31.63 -3.66 -9.29
N ASP B 68 -31.58 -4.94 -9.67
CA ASP B 68 -32.19 -6.00 -8.89
C ASP B 68 -31.36 -7.26 -8.76
N GLN B 69 -30.04 -7.08 -8.75
CA GLN B 69 -29.08 -8.16 -8.56
C GLN B 69 -28.13 -7.82 -7.39
N PRO B 70 -28.69 -7.63 -6.19
CA PRO B 70 -27.88 -7.29 -5.02
C PRO B 70 -26.94 -8.42 -4.66
N VAL B 72 -24.29 -9.39 -1.32
CA VAL B 72 -23.85 -9.06 0.07
C VAL B 72 -22.54 -9.79 0.39
N LEU B 73 -21.56 -9.02 0.87
CA LEU B 73 -20.24 -9.50 1.24
C LEU B 73 -19.84 -9.13 2.67
N ILE B 74 -19.92 -10.12 3.55
CA ILE B 74 -19.56 -9.90 4.95
C ILE B 74 -18.20 -10.56 5.17
N ASN B 75 -17.28 -9.87 5.84
CA ASN B 75 -15.87 -10.35 5.93
C ASN B 75 -15.25 -10.75 4.57
N PRO B 76 -15.41 -9.94 3.54
CA PRO B 76 -14.85 -10.36 2.26
C PRO B 76 -13.33 -10.41 2.31
N GLU B 77 -12.76 -11.38 1.62
CA GLU B 77 -11.30 -11.44 1.39
C GLU B 77 -11.00 -11.72 -0.07
N ILE B 78 -10.05 -11.02 -0.66
CA ILE B 78 -9.64 -11.34 -2.01
C ILE B 78 -8.54 -12.38 -1.81
N ILE B 79 -8.77 -13.58 -2.24
CA ILE B 79 -7.85 -14.69 -2.07
C ILE B 79 -6.77 -14.61 -3.13
N GLU B 80 -7.13 -14.15 -4.33
CA GLU B 80 -6.18 -14.01 -5.37
C GLU B 80 -6.62 -12.91 -6.27
N LYS B 81 -5.62 -12.19 -6.79
CA LYS B 81 -5.77 -11.18 -7.83
C LYS B 81 -4.94 -11.64 -9.01
N ARG B 82 -5.45 -11.39 -10.20
CA ARG B 82 -4.80 -11.69 -11.46
C ARG B 82 -4.92 -10.48 -12.41
N GLY B 83 -3.82 -10.19 -13.09
CA GLY B 83 -3.83 -9.29 -14.23
C GLY B 83 -3.96 -7.85 -13.78
N GLU B 84 -4.13 -6.95 -14.75
CA GLU B 84 -4.20 -5.53 -14.54
C GLU B 84 -5.32 -4.98 -15.40
N ASP B 85 -6.06 -3.99 -14.90
CA ASP B 85 -7.18 -3.43 -15.60
C ASP B 85 -7.39 -2.05 -14.95
N GLY B 86 -8.29 -1.29 -15.50
CA GLY B 86 -8.73 -0.09 -14.84
C GLY B 86 -9.82 0.60 -15.63
N ILE B 87 -10.74 1.18 -14.90
CA ILE B 87 -11.80 1.98 -15.48
C ILE B 87 -11.98 3.30 -14.70
N GLU B 88 -12.87 4.13 -15.20
CA GLU B 88 -13.25 5.34 -14.50
C GLU B 88 -14.10 4.93 -13.31
N GLU B 89 -13.72 5.43 -12.14
CA GLU B 89 -14.42 5.16 -10.92
C GLU B 89 -14.97 6.45 -10.31
N GLY B 90 -16.03 6.24 -9.57
CA GLY B 90 -16.66 7.30 -8.80
C GLY B 90 -16.80 6.76 -7.40
N CYS B 91 -17.34 7.57 -6.56
CA CYS B 91 -17.53 7.19 -5.16
C CYS B 91 -18.54 8.11 -4.46
N LEU B 92 -19.55 7.52 -3.79
CA LEU B 92 -20.51 8.31 -3.06
C LEU B 92 -19.81 9.08 -1.96
N SER B 93 -18.70 8.57 -1.46
CA SER B 93 -17.90 9.36 -0.49
C SER B 93 -17.00 10.45 -1.08
N VAL B 94 -16.92 10.58 -2.39
CA VAL B 94 -16.19 11.70 -3.06
C VAL B 94 -17.07 12.25 -4.19
N PRO B 95 -18.14 12.96 -3.81
CA PRO B 95 -19.11 13.37 -4.81
C PRO B 95 -18.49 14.29 -5.84
N GLY B 96 -18.87 14.06 -7.09
CA GLY B 96 -18.43 14.87 -8.17
C GLY B 96 -17.08 14.53 -8.76
N ALA B 97 -16.32 13.64 -8.18
CA ALA B 97 -15.00 13.31 -8.72
C ALA B 97 -15.05 11.97 -9.44
N ARG B 98 -14.49 11.88 -10.62
CA ARG B 98 -14.33 10.59 -11.30
C ARG B 98 -12.95 10.52 -11.89
N ALA B 99 -12.30 9.35 -11.83
CA ALA B 99 -10.95 9.12 -12.39
C ALA B 99 -10.65 7.61 -12.62
N LEU B 100 -9.82 7.37 -13.61
CA LEU B 100 -9.24 6.06 -13.92
C LEU B 100 -8.37 5.59 -12.72
N VAL B 101 -8.56 4.36 -12.25
CA VAL B 101 -7.82 3.81 -11.12
C VAL B 101 -7.25 2.48 -11.58
N PRO B 102 -5.93 2.28 -11.41
CA PRO B 102 -5.35 0.98 -11.74
C PRO B 102 -5.71 -0.11 -10.69
N ARG B 103 -6.03 -1.31 -11.16
CA ARG B 103 -6.64 -2.39 -10.37
C ARG B 103 -6.17 -3.71 -10.97
N ALA B 104 -6.46 -4.80 -10.28
CA ALA B 104 -6.32 -6.16 -10.80
C ALA B 104 -7.45 -6.31 -11.79
N ALA B 105 -7.23 -7.11 -12.83
CA ALA B 105 -8.26 -7.50 -13.78
C ALA B 105 -9.27 -8.50 -13.18
N GLU B 106 -8.79 -9.46 -12.39
CA GLU B 106 -9.64 -10.55 -11.87
C GLU B 106 -9.35 -10.72 -10.40
N VAL B 107 -10.37 -11.19 -9.68
CA VAL B 107 -10.21 -11.51 -8.27
C VAL B 107 -11.02 -12.75 -7.98
N THR B 108 -10.54 -13.52 -7.00
CA THR B 108 -11.28 -14.60 -6.34
C THR B 108 -11.52 -14.12 -4.97
N VAL B 109 -12.78 -14.20 -4.58
CA VAL B 109 -13.27 -13.60 -3.36
C VAL B 109 -14.00 -14.64 -2.52
N LYS B 110 -13.78 -14.61 -1.22
CA LYS B 110 -14.43 -15.48 -0.26
C LYS B 110 -15.14 -14.51 0.70
N ALA B 111 -16.35 -14.85 1.10
CA ALA B 111 -17.17 -13.99 1.95
C ALA B 111 -18.38 -14.72 2.50
N LEU B 112 -19.04 -14.10 3.49
CA LEU B 112 -20.29 -14.61 4.01
C LEU B 112 -21.37 -13.79 3.30
N ASP B 113 -22.48 -14.45 3.02
CA ASP B 113 -23.66 -13.78 2.51
C ASP B 113 -24.55 -13.21 3.61
N ARG B 114 -25.72 -12.65 3.23
CA ARG B 114 -26.57 -12.09 4.26
C ARG B 114 -27.05 -13.12 5.31
N ASN B 115 -26.95 -14.40 5.01
CA ASN B 115 -27.44 -15.44 5.89
C ASN B 115 -26.27 -16.13 6.60
N GLY B 116 -25.05 -15.62 6.49
CA GLY B 116 -23.90 -16.23 7.14
C GLY B 116 -23.35 -17.42 6.40
N GLN B 117 -23.78 -17.66 5.16
CA GLN B 117 -23.25 -18.73 4.35
C GLN B 117 -21.96 -18.22 3.75
N GLU B 118 -20.85 -18.94 3.98
CA GLU B 118 -19.57 -18.60 3.31
C GLU B 118 -19.64 -19.04 1.86
N TYR B 119 -19.11 -18.25 0.96
CA TYR B 119 -19.15 -18.63 -0.45
C TYR B 119 -17.92 -18.07 -1.12
N GLN B 120 -17.63 -18.53 -2.30
CA GLN B 120 -16.48 -18.04 -3.00
C GLN B 120 -16.86 -17.84 -4.47
N PHE B 121 -16.28 -16.83 -5.06
CA PHE B 121 -16.53 -16.60 -6.49
C PHE B 121 -15.35 -15.92 -7.17
N ASP B 122 -15.35 -16.03 -8.50
CA ASP B 122 -14.41 -15.29 -9.35
C ASP B 122 -15.16 -14.16 -10.03
N ALA B 123 -14.44 -13.06 -10.21
CA ALA B 123 -15.02 -11.89 -10.83
C ALA B 123 -14.03 -11.25 -11.73
N ASP B 124 -14.56 -10.72 -12.83
CA ASP B 124 -13.77 -9.83 -13.72
C ASP B 124 -14.58 -8.59 -14.05
N ASP B 125 -14.05 -7.76 -14.95
CA ASP B 125 -14.77 -6.60 -15.45
C ASP B 125 -15.32 -5.68 -14.37
N LEU B 126 -16.60 -5.25 -14.43
CA LEU B 126 -17.05 -4.19 -13.48
C LEU B 126 -17.10 -4.73 -12.07
N LEU B 127 -17.51 -5.99 -11.93
CA LEU B 127 -17.62 -6.54 -10.60
C LEU B 127 -16.26 -6.58 -9.93
N ALA B 128 -15.24 -7.01 -10.65
CA ALA B 128 -13.88 -7.10 -10.07
C ALA B 128 -13.42 -5.76 -9.53
N ILE B 129 -13.69 -4.71 -10.27
CA ILE B 129 -13.31 -3.34 -9.95
C ILE B 129 -14.06 -2.87 -8.74
N CYS B 130 -15.37 -3.11 -8.74
CA CYS B 130 -16.22 -2.73 -7.67
C CYS B 130 -15.83 -3.43 -6.36
N VAL B 131 -15.51 -4.73 -6.46
CA VAL B 131 -15.05 -5.45 -5.30
C VAL B 131 -13.82 -4.82 -4.71
N GLN B 132 -12.85 -4.54 -5.54
CA GLN B 132 -11.58 -4.01 -5.04
C GLN B 132 -11.72 -2.65 -4.42
N HIS B 133 -12.55 -1.83 -5.07
CA HIS B 133 -12.87 -0.47 -4.63
C HIS B 133 -13.50 -0.54 -3.21
N GLU B 134 -14.52 -1.38 -3.13
CA GLU B 134 -15.26 -1.50 -1.88
C GLU B 134 -14.41 -2.09 -0.78
N LEU B 135 -13.61 -3.11 -1.06
CA LEU B 135 -12.72 -3.58 0.02
C LEU B 135 -11.64 -2.57 0.46
N ASP B 136 -11.22 -1.71 -0.47
CA ASP B 136 -10.30 -0.63 -0.15
C ASP B 136 -10.92 0.21 0.95
N HIS B 137 -12.22 0.51 0.85
CA HIS B 137 -12.82 1.34 1.85
C HIS B 137 -12.65 0.72 3.25
N LEU B 138 -12.73 -0.59 3.32
CA LEU B 138 -12.70 -1.30 4.61
C LEU B 138 -11.28 -1.27 5.21
N ALA B 139 -10.28 -1.03 4.35
CA ALA B 139 -8.91 -0.87 4.79
C ALA B 139 -8.59 0.59 4.99
N GLY B 140 -9.58 1.47 5.03
CA GLY B 140 -9.36 2.89 5.13
C GLY B 140 -8.80 3.63 3.93
N LYS B 141 -8.95 3.06 2.74
CA LYS B 141 -8.40 3.59 1.51
C LYS B 141 -9.51 4.07 0.54
N LEU B 142 -9.25 5.16 -0.16
CA LEU B 142 -10.15 5.81 -1.08
C LEU B 142 -9.52 5.95 -2.45
N PHE B 143 -10.38 5.96 -3.47
CA PHE B 143 -9.85 5.92 -4.82
C PHE B 143 -9.02 7.15 -5.14
N VAL B 144 -9.25 8.25 -4.46
CA VAL B 144 -8.46 9.46 -4.67
C VAL B 144 -6.97 9.30 -4.24
N ASP B 145 -6.73 8.32 -3.39
CA ASP B 145 -5.37 7.93 -2.97
C ASP B 145 -4.48 7.44 -4.16
N TYR B 146 -5.11 7.02 -5.25
CA TYR B 146 -4.34 6.58 -6.41
C TYR B 146 -4.00 7.80 -7.30
N LEU B 147 -4.54 8.96 -7.01
CA LEU B 147 -4.35 10.09 -7.93
C LEU B 147 -3.08 10.94 -7.57
N SER B 148 -2.65 11.84 -8.46
CA SER B 148 -1.61 12.80 -8.16
C SER B 148 -2.01 13.73 -7.02
N PRO B 149 -1.00 14.26 -6.31
CA PRO B 149 -1.32 15.12 -5.22
C PRO B 149 -2.11 16.35 -5.68
N LEU B 150 -1.76 16.96 -6.80
CA LEU B 150 -2.41 18.22 -7.13
C LEU B 150 -3.90 17.98 -7.45
N LYS B 151 -4.19 16.86 -8.12
CA LYS B 151 -5.56 16.54 -8.47
C LYS B 151 -6.38 16.16 -7.24
N ARG B 152 -5.82 15.34 -6.36
CA ARG B 152 -6.48 14.95 -5.14
C ARG B 152 -6.67 16.13 -4.17
N ASN B 153 -5.67 17.03 -4.07
CA ASN B 153 -5.81 18.22 -3.23
C ASN B 153 -6.87 19.13 -3.76
N ARG B 154 -7.04 19.25 -5.08
CA ARG B 154 -8.10 20.10 -5.58
C ARG B 154 -9.45 19.54 -5.17
N ILE B 155 -9.67 18.26 -5.39
CA ILE B 155 -10.92 17.58 -4.97
C ILE B 155 -11.20 17.79 -3.47
N LYS B 156 -10.15 17.63 -2.65
CA LYS B 156 -10.26 17.85 -1.21
C LYS B 156 -10.68 19.27 -0.85
N GLU B 157 -10.02 20.27 -1.42
CA GLU B 157 -10.36 21.66 -1.12
C GLU B 157 -11.79 22.04 -1.53
N LYS B 158 -12.23 21.55 -2.68
CA LYS B 158 -13.60 21.78 -3.13
C LYS B 158 -14.61 21.14 -2.19
N LEU B 159 -14.34 19.93 -1.73
CA LEU B 159 -15.26 19.27 -0.79
C LEU B 159 -15.22 19.93 0.56
N GLU B 160 -14.04 20.36 1.03
CA GLU B 160 -13.98 21.17 2.27
C GLU B 160 -14.81 22.44 2.18
N LYS B 161 -14.71 23.15 1.07
CA LYS B 161 -15.49 24.35 0.84
C LYS B 161 -16.97 24.19 1.02
N ILE B 162 -17.48 23.08 0.47
CA ILE B 162 -18.88 22.73 0.53
C ILE B 162 -19.36 22.60 1.94
N LYS B 163 -18.49 22.11 2.83
CA LYS B 163 -18.87 21.86 4.22
C LYS B 163 -18.27 22.84 5.18
N ARG B 164 -17.69 23.90 4.69
CA ARG B 164 -17.00 24.78 5.61
C ARG B 164 -17.84 25.51 6.67
N PHE B 165 -19.14 25.59 6.49
CA PHE B 165 -19.98 26.30 7.45
C PHE B 165 -20.75 25.30 8.34
N ASN B 166 -20.53 24.00 8.19
CA ASN B 166 -21.09 23.03 9.13
C ASN B 166 -20.61 23.30 10.56
N GLU B 167 -21.56 23.17 11.50
CA GLU B 167 -21.35 23.03 12.98
C GLU B 167 -20.70 24.25 13.61
#